data_9DXP
#
_entry.id   9DXP
#
_cell.length_a   1.00
_cell.length_b   1.00
_cell.length_c   1.00
_cell.angle_alpha   90.00
_cell.angle_beta   90.00
_cell.angle_gamma   90.00
#
_symmetry.space_group_name_H-M   'P 1'
#
loop_
_entity.id
_entity.type
_entity.pdbx_description
1 polymer 'Solute carrier organic anion transporter family member 1C1'
2 non-polymer "3,5,3',5'-TETRAIODO-L-THYRONINE"
3 non-polymer 'CHOLESTEROL HEMISUCCINATE'
4 water water
#
_entity_poly.entity_id   1
_entity_poly.type   'polypeptide(L)'
_entity_poly.pdbx_seq_one_letter_code
;MDTSSKENIQLFCKTSVQPVGRPSFKTEYPSSEEKQPCCGELKVFLCALSFVYFAKALAEGYLKSTITQIERRFDIPSSL
VGVIDGSFEIGNLLVITFVSYFGAKLHRPKIIGAGCVIMGVGTLLIAMPQFFMEQYKYERYSPSSNSTLSISPCLLESSS
QLPVSVMEKSKSKISNECEVDTSSSMWIYVFLGNLLRGIGETPIQPLGIAYLDDFASEDNAAFYIGCVQTVAIIGPIFGF
LLGSLCAKLYVDIGFVNLDHITITPKDPQWVGAWWLGYLIAGIISLLAAVPFWYLPKSLPRSQSREDSNSSSEKSKFIID
DHTDYQTPQGENAKIMEMARDFLPSLKNLFGNPVYFLYLCTSTVQFNSLFGMVTYKPKYIEQQYGQSSSRANFVIGLINI
PAVALGIFSGGIVMKKFRISVCGAAKLYLGSSVFGYLLFLSLFALGCENSDVAGLTVSYQGTKPVSYHERALFSDCNSRC
KCSETKWEPMCGENGITYVSACLAGCQTSNRSGKNIIFYNCTCVGIAASKSGNSSGIVGRCQKDNGCPQMFLYFLVISVI
TSYTLSLGGIPGYILLLRCIKPQLKSFALGIYTLAIRVLAGIPAPVYFGVLIDTSCLKWGFKRCGSRGSCRLYDSNVFRH
IYLGLTVILGTVSILLSIAVLFILKKNYVSKHRSFITKRERTMVSTRFQKENYTTSDHLLQPNYWPGKETQLAAALEVLF
QGPGAAEDQVDPRLIDGKHHHHHHHH
;
_entity_poly.pdbx_strand_id   A
#
loop_
_chem_comp.id
_chem_comp.type
_chem_comp.name
_chem_comp.formula
T44 non-polymer 3,5,3',5'-TETRAIODO-L-THYRONINE 'C15 H11 I4 N O4'
Y01 non-polymer 'CHOLESTEROL HEMISUCCINATE' 'C31 H50 O4'
#
# COMPACT_ATOMS: atom_id res chain seq x y z
N GLY A 40 -27.73 -13.99 -16.90
CA GLY A 40 -27.28 -14.84 -17.98
C GLY A 40 -25.79 -15.06 -17.99
N GLU A 41 -25.22 -15.20 -19.19
CA GLU A 41 -23.79 -15.46 -19.31
C GLU A 41 -22.97 -14.24 -18.89
N LEU A 42 -23.52 -13.04 -19.08
CA LEU A 42 -22.82 -11.84 -18.63
C LEU A 42 -22.72 -11.79 -17.11
N LYS A 43 -23.81 -12.14 -16.41
CA LYS A 43 -23.77 -12.19 -14.95
C LYS A 43 -22.80 -13.24 -14.45
N VAL A 44 -22.75 -14.39 -15.13
CA VAL A 44 -21.80 -15.45 -14.76
C VAL A 44 -20.37 -14.96 -14.94
N PHE A 45 -20.11 -14.27 -16.06
CA PHE A 45 -18.77 -13.69 -16.26
C PHE A 45 -18.45 -12.69 -15.17
N LEU A 46 -19.42 -11.86 -14.79
CA LEU A 46 -19.18 -10.87 -13.74
C LEU A 46 -18.83 -11.53 -12.42
N CYS A 47 -19.57 -12.59 -12.06
CA CYS A 47 -19.27 -13.32 -10.82
C CYS A 47 -17.88 -13.96 -10.87
N ALA A 48 -17.55 -14.58 -12.01
CA ALA A 48 -16.24 -15.22 -12.13
C ALA A 48 -15.11 -14.21 -12.06
N LEU A 49 -15.27 -13.06 -12.72
CA LEU A 49 -14.26 -12.02 -12.66
C LEU A 49 -14.12 -11.46 -11.26
N SER A 50 -15.24 -11.30 -10.54
CA SER A 50 -15.18 -10.86 -9.16
C SER A 50 -14.40 -11.84 -8.30
N PHE A 51 -14.61 -13.15 -8.52
CA PHE A 51 -13.87 -14.13 -7.74
C PHE A 51 -12.39 -14.11 -8.07
N VAL A 52 -12.04 -13.88 -9.34
CA VAL A 52 -10.64 -13.76 -9.72
C VAL A 52 -10.00 -12.55 -9.05
N TYR A 53 -10.71 -11.42 -9.05
CA TYR A 53 -10.21 -10.23 -8.37
C TYR A 53 -9.99 -10.50 -6.89
N PHE A 54 -10.95 -11.18 -6.26
CA PHE A 54 -10.81 -11.54 -4.86
C PHE A 54 -9.60 -12.42 -4.62
N ALA A 55 -9.40 -13.43 -5.47
CA ALA A 55 -8.27 -14.34 -5.28
C ALA A 55 -6.94 -13.61 -5.39
N LYS A 56 -6.79 -12.77 -6.42
CA LYS A 56 -5.53 -12.06 -6.58
C LYS A 56 -5.30 -11.05 -5.46
N ALA A 57 -6.36 -10.38 -5.00
CA ALA A 57 -6.23 -9.44 -3.89
C ALA A 57 -5.86 -10.16 -2.59
N LEU A 58 -6.45 -11.33 -2.34
CA LEU A 58 -6.11 -12.08 -1.13
C LEU A 58 -4.67 -12.55 -1.16
N ALA A 59 -4.21 -13.01 -2.32
CA ALA A 59 -2.80 -13.39 -2.45
C ALA A 59 -1.89 -12.19 -2.18
N GLU A 60 -2.24 -11.02 -2.73
CA GLU A 60 -1.42 -9.83 -2.51
C GLU A 60 -1.36 -9.45 -1.03
N GLY A 61 -2.52 -9.47 -0.36
CA GLY A 61 -2.54 -9.14 1.06
C GLY A 61 -1.74 -10.11 1.89
N TYR A 62 -1.86 -11.41 1.61
CA TYR A 62 -1.11 -12.40 2.36
C TYR A 62 0.39 -12.24 2.16
N LEU A 63 0.81 -11.99 0.92
CA LEU A 63 2.22 -11.79 0.63
C LEU A 63 2.77 -10.58 1.39
N LYS A 64 2.02 -9.47 1.36
CA LYS A 64 2.43 -8.29 2.11
C LYS A 64 2.52 -8.57 3.60
N SER A 65 1.61 -9.38 4.14
CA SER A 65 1.64 -9.65 5.58
C SER A 65 2.81 -10.57 5.95
N THR A 66 3.22 -11.48 5.08
CA THR A 66 4.21 -12.49 5.44
C THR A 66 5.61 -12.25 4.87
N ILE A 67 5.82 -11.16 4.13
CA ILE A 67 7.14 -10.94 3.51
C ILE A 67 8.24 -10.84 4.57
N THR A 68 7.93 -10.23 5.72
CA THR A 68 8.90 -10.14 6.81
C THR A 68 9.26 -11.51 7.39
N GLN A 69 8.26 -12.37 7.63
CA GLN A 69 8.53 -13.71 8.10
C GLN A 69 9.36 -14.49 7.08
N ILE A 70 9.08 -14.30 5.79
CA ILE A 70 9.86 -14.97 4.75
C ILE A 70 11.30 -14.48 4.77
N GLU A 71 11.51 -13.18 4.95
CA GLU A 71 12.87 -12.65 5.07
C GLU A 71 13.59 -13.27 6.25
N ARG A 72 12.94 -13.34 7.40
CA ARG A 72 13.55 -13.93 8.59
C ARG A 72 13.87 -15.42 8.42
N ARG A 73 12.95 -16.18 7.84
CA ARG A 73 13.13 -17.63 7.74
C ARG A 73 14.28 -18.00 6.81
N PHE A 74 14.37 -17.35 5.66
CA PHE A 74 15.35 -17.71 4.64
C PHE A 74 16.72 -17.07 4.86
N ASP A 75 16.84 -16.19 5.85
CA ASP A 75 18.10 -15.52 6.16
C ASP A 75 18.67 -14.79 4.94
N ILE A 76 17.81 -14.01 4.30
CA ILE A 76 18.21 -13.22 3.13
C ILE A 76 18.24 -11.74 3.53
N PRO A 77 19.11 -10.93 2.92
CA PRO A 77 19.13 -9.50 3.25
C PRO A 77 17.96 -8.75 2.64
N SER A 78 17.72 -7.52 3.11
CA SER A 78 16.57 -6.74 2.65
C SER A 78 16.63 -6.45 1.15
N SER A 79 17.82 -6.42 0.56
CA SER A 79 17.92 -6.20 -0.89
C SER A 79 17.24 -7.32 -1.65
N LEU A 80 17.49 -8.57 -1.25
CA LEU A 80 16.80 -9.68 -1.89
C LEU A 80 15.31 -9.67 -1.56
N VAL A 81 14.92 -9.08 -0.43
CA VAL A 81 13.50 -8.96 -0.12
C VAL A 81 12.83 -7.99 -1.08
N GLY A 82 13.47 -6.86 -1.36
CA GLY A 82 12.96 -5.96 -2.37
C GLY A 82 12.93 -6.60 -3.74
N VAL A 83 13.92 -7.45 -4.02
CA VAL A 83 13.93 -8.19 -5.29
C VAL A 83 12.73 -9.13 -5.37
N ILE A 84 12.42 -9.82 -4.27
CA ILE A 84 11.25 -10.69 -4.25
C ILE A 84 9.98 -9.88 -4.45
N ASP A 85 9.88 -8.73 -3.78
CA ASP A 85 8.70 -7.88 -3.94
C ASP A 85 8.59 -7.33 -5.35
N GLY A 86 9.73 -7.14 -6.03
CA GLY A 86 9.75 -6.54 -7.34
C GLY A 86 9.70 -7.52 -8.51
N SER A 87 9.89 -8.81 -8.23
CA SER A 87 9.75 -9.81 -9.27
C SER A 87 8.33 -9.85 -9.84
N PHE A 88 7.32 -9.72 -8.99
CA PHE A 88 5.94 -9.60 -9.43
C PHE A 88 5.80 -8.48 -10.45
N GLU A 89 6.36 -7.32 -10.12
CA GLU A 89 6.17 -6.16 -10.99
C GLU A 89 6.95 -6.31 -12.29
N ILE A 90 8.13 -6.93 -12.22
CA ILE A 90 8.88 -7.23 -13.44
C ILE A 90 8.03 -8.09 -14.37
N GLY A 91 7.47 -9.18 -13.83
CA GLY A 91 6.65 -10.08 -14.60
C GLY A 91 5.39 -9.43 -15.16
N ASN A 92 4.74 -8.61 -14.34
CA ASN A 92 3.52 -7.92 -14.78
C ASN A 92 3.81 -6.92 -15.90
N LEU A 93 4.82 -6.07 -15.71
CA LEU A 93 5.07 -4.98 -16.63
C LEU A 93 5.68 -5.49 -17.94
N LEU A 94 6.39 -6.61 -17.90
CA LEU A 94 7.02 -7.08 -19.11
C LEU A 94 6.02 -7.65 -20.12
N VAL A 95 4.89 -8.16 -19.65
CA VAL A 95 3.95 -8.84 -20.53
C VAL A 95 2.56 -8.22 -20.55
N ILE A 96 2.28 -7.18 -19.76
CA ILE A 96 0.93 -6.60 -19.74
C ILE A 96 0.54 -6.07 -21.12
N THR A 97 1.44 -5.37 -21.80
CA THR A 97 1.11 -4.78 -23.10
C THR A 97 0.81 -5.86 -24.14
N PHE A 98 1.69 -6.87 -24.22
CA PHE A 98 1.48 -7.95 -25.17
C PHE A 98 0.16 -8.67 -24.91
N VAL A 99 -0.15 -8.94 -23.64
CA VAL A 99 -1.38 -9.65 -23.34
C VAL A 99 -2.60 -8.80 -23.68
N SER A 100 -2.56 -7.50 -23.34
CA SER A 100 -3.74 -6.68 -23.55
C SER A 100 -3.97 -6.38 -25.03
N TYR A 101 -2.91 -6.39 -25.83
CA TYR A 101 -3.07 -6.10 -27.26
C TYR A 101 -3.50 -7.34 -28.05
N PHE A 102 -2.71 -8.41 -27.98
CA PHE A 102 -3.00 -9.61 -28.73
C PHE A 102 -4.18 -10.40 -28.18
N GLY A 103 -4.46 -10.31 -26.88
CA GLY A 103 -5.55 -11.07 -26.30
C GLY A 103 -6.91 -10.52 -26.63
N ALA A 104 -6.97 -9.31 -27.19
CA ALA A 104 -8.24 -8.66 -27.48
C ALA A 104 -9.05 -9.43 -28.51
N LYS A 105 -8.42 -9.89 -29.60
CA LYS A 105 -9.15 -10.63 -30.61
C LYS A 105 -9.18 -12.13 -30.34
N LEU A 106 -8.49 -12.61 -29.32
CA LEU A 106 -8.50 -14.02 -28.99
C LEU A 106 -9.68 -14.33 -28.08
N HIS A 107 -9.73 -15.56 -27.57
CA HIS A 107 -10.75 -16.00 -26.65
C HIS A 107 -10.42 -15.45 -25.26
N ARG A 108 -11.00 -14.29 -24.93
CA ARG A 108 -10.63 -13.56 -23.73
C ARG A 108 -10.93 -14.33 -22.43
N PRO A 109 -12.11 -14.97 -22.27
CA PRO A 109 -12.34 -15.75 -21.04
C PRO A 109 -11.27 -16.82 -20.81
N LYS A 110 -10.85 -17.51 -21.86
CA LYS A 110 -9.84 -18.55 -21.69
C LYS A 110 -8.45 -17.99 -21.38
N ILE A 111 -8.10 -16.83 -21.92
CA ILE A 111 -6.84 -16.20 -21.55
C ILE A 111 -6.86 -15.78 -20.09
N ILE A 112 -8.01 -15.29 -19.61
CA ILE A 112 -8.15 -14.95 -18.20
C ILE A 112 -8.02 -16.20 -17.33
N GLY A 113 -8.63 -17.32 -17.76
CA GLY A 113 -8.50 -18.55 -17.00
C GLY A 113 -7.07 -19.06 -16.95
N ALA A 114 -6.36 -18.97 -18.08
CA ALA A 114 -4.96 -19.36 -18.11
C ALA A 114 -4.12 -18.45 -17.21
N GLY A 115 -4.43 -17.16 -17.19
CA GLY A 115 -3.75 -16.26 -16.27
C GLY A 115 -3.98 -16.64 -14.83
N CYS A 116 -5.21 -17.03 -14.49
CA CYS A 116 -5.50 -17.51 -13.14
C CYS A 116 -4.71 -18.76 -12.80
N VAL A 117 -4.60 -19.69 -13.75
CA VAL A 117 -3.82 -20.90 -13.52
C VAL A 117 -2.36 -20.56 -13.25
N ILE A 118 -1.80 -19.65 -14.04
CA ILE A 118 -0.41 -19.24 -13.84
C ILE A 118 -0.23 -18.55 -12.50
N MET A 119 -1.19 -17.69 -12.13
CA MET A 119 -1.18 -17.07 -10.80
C MET A 119 -1.15 -18.11 -9.69
N GLY A 120 -2.03 -19.11 -9.78
CA GLY A 120 -2.10 -20.11 -8.73
C GLY A 120 -0.85 -20.96 -8.65
N VAL A 121 -0.28 -21.31 -9.81
CA VAL A 121 0.95 -22.09 -9.83
C VAL A 121 2.09 -21.30 -9.18
N GLY A 122 2.20 -20.01 -9.54
CA GLY A 122 3.21 -19.18 -8.93
C GLY A 122 3.03 -19.02 -7.43
N THR A 123 1.78 -18.90 -6.99
CA THR A 123 1.51 -18.78 -5.56
C THR A 123 1.89 -20.06 -4.82
N LEU A 124 1.55 -21.23 -5.39
CA LEU A 124 1.93 -22.49 -4.78
C LEU A 124 3.45 -22.69 -4.78
N LEU A 125 4.14 -22.15 -5.78
CA LEU A 125 5.59 -22.28 -5.84
C LEU A 125 6.29 -21.59 -4.69
N ILE A 126 5.69 -20.52 -4.14
CA ILE A 126 6.26 -19.82 -3.01
C ILE A 126 6.29 -20.67 -1.75
N ALA A 127 5.30 -21.52 -1.54
CA ALA A 127 5.24 -22.40 -0.38
C ALA A 127 6.10 -23.66 -0.52
N MET A 128 6.63 -23.94 -1.69
CA MET A 128 7.39 -25.16 -1.96
C MET A 128 8.64 -25.34 -1.09
N PRO A 129 9.46 -24.29 -0.85
CA PRO A 129 10.68 -24.51 -0.06
C PRO A 129 10.44 -25.07 1.33
N GLN A 130 9.26 -24.87 1.91
CA GLN A 130 8.96 -25.45 3.22
C GLN A 130 9.13 -26.97 3.20
N PHE A 131 8.84 -27.61 2.07
CA PHE A 131 8.85 -29.05 1.97
C PHE A 131 10.25 -29.61 1.69
N PHE A 132 11.26 -28.77 1.50
CA PHE A 132 12.60 -29.24 1.18
C PHE A 132 13.69 -28.72 2.09
N MET A 133 13.54 -27.56 2.72
CA MET A 133 14.56 -27.09 3.64
C MET A 133 14.54 -27.92 4.93
N GLU A 134 15.61 -27.78 5.70
CA GLU A 134 15.69 -28.44 6.99
C GLU A 134 14.74 -27.78 7.99
N GLN A 135 14.52 -28.47 9.10
CA GLN A 135 13.66 -27.96 10.17
C GLN A 135 14.20 -26.63 10.67
N TYR A 136 13.31 -25.68 10.95
CA TYR A 136 13.72 -24.38 11.46
C TYR A 136 14.41 -24.53 12.82
N LYS A 137 15.71 -24.26 12.86
CA LYS A 137 16.49 -24.35 14.09
C LYS A 137 16.72 -22.94 14.62
N TYR A 138 16.28 -22.69 15.83
CA TYR A 138 16.44 -21.40 16.48
C TYR A 138 17.45 -21.50 17.61
N GLU A 139 18.17 -20.39 17.84
CA GLU A 139 19.19 -20.36 18.88
C GLU A 139 18.55 -20.51 20.24
N ARG A 140 18.66 -21.72 20.80
CA ARG A 140 17.98 -22.06 22.05
C ARG A 140 18.99 -22.29 23.18
N SER A 184 19.95 -22.55 1.75
CA SER A 184 19.93 -21.10 1.84
C SER A 184 19.58 -20.47 0.50
N SER A 185 19.70 -21.26 -0.56
CA SER A 185 19.45 -20.78 -1.92
C SER A 185 18.05 -21.06 -2.41
N MET A 186 17.14 -21.51 -1.52
CA MET A 186 15.79 -21.81 -1.92
C MET A 186 14.94 -20.56 -2.14
N TRP A 187 15.41 -19.40 -1.71
CA TRP A 187 14.66 -18.16 -1.90
C TRP A 187 14.40 -17.87 -3.37
N ILE A 188 15.19 -18.44 -4.27
CA ILE A 188 14.95 -18.25 -5.70
C ILE A 188 13.54 -18.68 -6.06
N TYR A 189 13.06 -19.77 -5.44
CA TYR A 189 11.69 -20.20 -5.69
C TYR A 189 10.69 -19.12 -5.29
N VAL A 190 10.90 -18.50 -4.12
CA VAL A 190 10.05 -17.39 -3.71
C VAL A 190 10.08 -16.29 -4.75
N PHE A 191 11.26 -16.03 -5.33
CA PHE A 191 11.34 -15.09 -6.45
C PHE A 191 10.51 -15.60 -7.61
N LEU A 192 10.78 -16.83 -8.06
CA LEU A 192 10.18 -17.32 -9.30
C LEU A 192 8.67 -17.35 -9.20
N GLY A 193 8.15 -17.90 -8.09
CA GLY A 193 6.71 -17.93 -7.90
C GLY A 193 6.10 -16.55 -8.01
N ASN A 194 6.71 -15.56 -7.35
CA ASN A 194 6.14 -14.22 -7.40
C ASN A 194 6.18 -13.69 -8.83
N LEU A 195 7.25 -13.99 -9.57
CA LEU A 195 7.30 -13.62 -10.98
C LEU A 195 6.12 -14.19 -11.73
N LEU A 196 5.82 -15.47 -11.50
CA LEU A 196 4.68 -16.09 -12.18
C LEU A 196 3.39 -15.36 -11.83
N ARG A 197 3.25 -14.96 -10.56
CA ARG A 197 2.09 -14.17 -10.17
C ARG A 197 1.98 -12.92 -11.03
N GLY A 198 3.11 -12.21 -11.19
CA GLY A 198 3.10 -11.01 -12.02
C GLY A 198 2.63 -11.29 -13.42
N ILE A 199 3.03 -12.44 -13.98
CA ILE A 199 2.57 -12.79 -15.31
C ILE A 199 1.08 -13.12 -15.29
N GLY A 200 0.67 -13.93 -14.31
CA GLY A 200 -0.68 -14.46 -14.34
C GLY A 200 -1.75 -13.42 -14.10
N GLU A 201 -1.39 -12.31 -13.47
CA GLU A 201 -2.36 -11.25 -13.23
C GLU A 201 -2.63 -10.44 -14.49
N THR A 202 -1.74 -10.46 -15.48
CA THR A 202 -1.82 -9.47 -16.56
C THR A 202 -3.14 -9.46 -17.34
N PRO A 203 -3.75 -10.59 -17.71
CA PRO A 203 -4.96 -10.49 -18.54
C PRO A 203 -6.22 -10.10 -17.79
N ILE A 204 -6.20 -10.13 -16.46
CA ILE A 204 -7.45 -10.06 -15.68
C ILE A 204 -8.13 -8.72 -15.89
N GLN A 205 -7.40 -7.62 -15.72
CA GLN A 205 -8.02 -6.30 -15.84
C GLN A 205 -8.26 -5.88 -17.28
N PRO A 206 -7.27 -5.85 -18.17
CA PRO A 206 -7.55 -5.36 -19.54
C PRO A 206 -8.59 -6.19 -20.28
N LEU A 207 -8.47 -7.51 -20.26
CA LEU A 207 -9.43 -8.35 -20.99
C LEU A 207 -10.74 -8.48 -20.23
N GLY A 208 -10.68 -8.58 -18.90
CA GLY A 208 -11.90 -8.77 -18.13
C GLY A 208 -12.82 -7.57 -18.17
N ILE A 209 -12.26 -6.37 -18.00
CA ILE A 209 -13.08 -5.16 -18.03
C ILE A 209 -13.60 -4.90 -19.43
N ALA A 210 -12.74 -5.00 -20.44
CA ALA A 210 -13.17 -4.78 -21.82
C ALA A 210 -14.31 -5.70 -22.20
N TYR A 211 -14.15 -7.00 -21.91
CA TYR A 211 -15.25 -7.95 -22.09
C TYR A 211 -16.51 -7.45 -21.41
N LEU A 212 -16.39 -7.06 -20.14
CA LEU A 212 -17.54 -6.52 -19.41
C LEU A 212 -18.12 -5.31 -20.12
N ASP A 213 -17.27 -4.43 -20.64
CA ASP A 213 -17.78 -3.23 -21.29
C ASP A 213 -18.35 -3.55 -22.66
N ASP A 214 -17.89 -4.63 -23.29
CA ASP A 214 -18.35 -4.92 -24.65
C ASP A 214 -19.78 -5.44 -24.66
N PHE A 215 -20.19 -6.14 -23.62
CA PHE A 215 -21.43 -6.92 -23.69
C PHE A 215 -22.48 -6.49 -22.68
N ALA A 216 -22.12 -5.68 -21.69
CA ALA A 216 -23.13 -5.07 -20.84
C ALA A 216 -23.76 -3.88 -21.52
N SER A 217 -24.98 -3.54 -21.12
CA SER A 217 -25.60 -2.32 -21.61
C SER A 217 -24.82 -1.11 -21.12
N GLU A 218 -25.03 0.03 -21.79
CA GLU A 218 -24.24 1.22 -21.50
C GLU A 218 -24.38 1.66 -20.06
N ASP A 219 -25.57 1.53 -19.48
CA ASP A 219 -25.79 1.94 -18.10
C ASP A 219 -25.16 0.96 -17.11
N ASN A 220 -25.29 -0.34 -17.36
CA ASN A 220 -24.86 -1.36 -16.42
C ASN A 220 -23.35 -1.57 -16.39
N ALA A 221 -22.64 -1.12 -17.42
CA ALA A 221 -21.20 -1.35 -17.47
C ALA A 221 -20.48 -0.67 -16.31
N ALA A 222 -20.84 0.59 -16.04
CA ALA A 222 -20.20 1.34 -14.97
C ALA A 222 -20.45 0.68 -13.62
N PHE A 223 -21.68 0.22 -13.38
CA PHE A 223 -22.00 -0.45 -12.13
C PHE A 223 -21.24 -1.76 -11.98
N TYR A 224 -21.15 -2.56 -13.05
CA TYR A 224 -20.42 -3.82 -12.96
C TYR A 224 -18.94 -3.57 -12.69
N ILE A 225 -18.36 -2.59 -13.37
CA ILE A 225 -16.95 -2.26 -13.15
C ILE A 225 -16.76 -1.78 -11.71
N GLY A 226 -17.72 -1.01 -11.19
CA GLY A 226 -17.65 -0.59 -9.81
C GLY A 226 -17.67 -1.75 -8.83
N CYS A 227 -18.53 -2.74 -9.08
CA CYS A 227 -18.56 -3.93 -8.22
C CYS A 227 -17.21 -4.65 -8.24
N VAL A 228 -16.64 -4.82 -9.43
CA VAL A 228 -15.37 -5.53 -9.55
C VAL A 228 -14.25 -4.77 -8.84
N GLN A 229 -14.18 -3.45 -9.03
CA GLN A 229 -13.14 -2.66 -8.39
C GLN A 229 -13.33 -2.62 -6.87
N THR A 230 -14.57 -2.63 -6.40
CA THR A 230 -14.81 -2.70 -4.96
C THR A 230 -14.27 -4.00 -4.39
N VAL A 231 -14.49 -5.11 -5.11
CA VAL A 231 -13.87 -6.37 -4.70
C VAL A 231 -12.36 -6.24 -4.64
N ALA A 232 -11.76 -5.62 -5.65
CA ALA A 232 -10.30 -5.46 -5.68
C ALA A 232 -9.80 -4.65 -4.49
N ILE A 233 -10.55 -3.63 -4.08
CA ILE A 233 -10.14 -2.78 -2.97
C ILE A 233 -10.27 -3.52 -1.65
N ILE A 234 -11.36 -4.26 -1.46
CA ILE A 234 -11.62 -4.93 -0.18
C ILE A 234 -10.80 -6.21 0.01
N GLY A 235 -10.45 -6.92 -1.06
CA GLY A 235 -9.82 -8.21 -0.97
C GLY A 235 -8.58 -8.37 -0.10
N PRO A 236 -7.61 -7.45 -0.17
CA PRO A 236 -6.37 -7.64 0.59
C PRO A 236 -6.54 -7.68 2.10
N ILE A 237 -7.64 -7.17 2.64
CA ILE A 237 -7.89 -7.23 4.07
C ILE A 237 -7.99 -8.69 4.49
N PHE A 238 -8.64 -9.51 3.65
CA PHE A 238 -8.71 -10.94 3.92
C PHE A 238 -7.34 -11.59 3.83
N GLY A 239 -6.49 -11.13 2.92
CA GLY A 239 -5.12 -11.63 2.88
C GLY A 239 -4.37 -11.34 4.16
N PHE A 240 -4.55 -10.14 4.71
CA PHE A 240 -3.88 -9.80 5.97
C PHE A 240 -4.46 -10.60 7.14
N LEU A 241 -5.77 -10.83 7.14
CA LEU A 241 -6.37 -11.70 8.17
C LEU A 241 -5.79 -13.11 8.11
N LEU A 242 -5.70 -13.66 6.90
CA LEU A 242 -5.10 -14.99 6.75
C LEU A 242 -3.65 -14.99 7.16
N GLY A 243 -2.93 -13.89 6.87
CA GLY A 243 -1.55 -13.78 7.31
C GLY A 243 -1.42 -13.84 8.82
N SER A 244 -2.28 -13.12 9.53
CA SER A 244 -2.26 -13.17 10.98
C SER A 244 -2.57 -14.57 11.50
N LEU A 245 -3.61 -15.20 10.94
CA LEU A 245 -4.01 -16.53 11.39
C LEU A 245 -2.89 -17.55 11.18
N CYS A 246 -2.22 -17.49 10.02
CA CYS A 246 -1.16 -18.45 9.73
C CYS A 246 0.09 -18.14 10.54
N ALA A 247 0.32 -16.86 10.85
CA ALA A 247 1.42 -16.49 11.73
C ALA A 247 1.19 -16.97 13.16
N LYS A 248 -0.07 -17.19 13.55
CA LYS A 248 -0.31 -17.76 14.87
C LYS A 248 0.06 -19.23 14.99
N LEU A 249 0.29 -19.91 13.86
CA LEU A 249 0.68 -21.32 13.87
C LEU A 249 2.19 -21.43 13.72
N TYR A 250 2.76 -22.50 14.29
CA TYR A 250 4.20 -22.70 14.21
C TYR A 250 4.61 -23.11 12.80
N VAL A 251 5.83 -22.72 12.42
CA VAL A 251 6.26 -22.87 11.02
C VAL A 251 6.34 -24.33 10.63
N ASP A 252 6.73 -25.20 11.55
CA ASP A 252 6.91 -26.63 11.26
C ASP A 252 5.72 -27.46 11.72
N ILE A 253 4.52 -26.90 11.66
CA ILE A 253 3.32 -27.65 12.04
C ILE A 253 3.06 -28.71 10.99
N GLY A 254 2.86 -29.96 11.41
CA GLY A 254 2.67 -31.05 10.50
C GLY A 254 3.95 -31.80 10.22
N PHE A 255 5.08 -31.09 10.31
CA PHE A 255 6.38 -31.68 10.08
C PHE A 255 7.07 -32.11 11.36
N VAL A 256 6.81 -31.44 12.48
CA VAL A 256 7.51 -31.65 13.74
C VAL A 256 6.50 -31.74 14.86
N ASN A 257 6.76 -32.62 15.82
CA ASN A 257 5.93 -32.69 17.03
C ASN A 257 6.01 -31.36 17.77
N LEU A 258 4.85 -30.74 18.01
CA LEU A 258 4.83 -29.42 18.62
C LEU A 258 5.08 -29.47 20.13
N ASP A 259 5.05 -30.66 20.73
CA ASP A 259 5.25 -30.75 22.17
C ASP A 259 6.69 -30.53 22.59
N HIS A 260 7.63 -30.59 21.65
CA HIS A 260 9.04 -30.39 21.94
C HIS A 260 9.49 -28.95 21.75
N ILE A 261 8.56 -28.04 21.47
CA ILE A 261 8.88 -26.67 21.10
C ILE A 261 8.56 -25.77 22.28
N THR A 262 9.56 -25.01 22.74
CA THR A 262 9.42 -24.20 23.94
C THR A 262 9.17 -22.73 23.67
N ILE A 263 9.14 -22.31 22.40
CA ILE A 263 8.94 -20.90 22.06
C ILE A 263 7.47 -20.66 21.74
N THR A 264 7.04 -19.43 21.96
CA THR A 264 5.68 -18.98 21.74
C THR A 264 5.66 -17.88 20.68
N PRO A 265 4.49 -17.51 20.17
CA PRO A 265 4.44 -16.39 19.21
C PRO A 265 5.00 -15.09 19.75
N LYS A 266 5.01 -14.90 21.07
CA LYS A 266 5.60 -13.71 21.69
C LYS A 266 7.13 -13.73 21.64
N ASP A 267 7.73 -14.91 21.50
CA ASP A 267 9.18 -15.01 21.49
C ASP A 267 9.74 -14.42 20.20
N PRO A 268 10.82 -13.64 20.28
CA PRO A 268 11.38 -13.05 19.04
C PRO A 268 11.92 -14.07 18.05
N GLN A 269 12.21 -15.29 18.49
CA GLN A 269 12.72 -16.34 17.61
C GLN A 269 11.62 -17.12 16.92
N TRP A 270 10.35 -16.76 17.15
CA TRP A 270 9.22 -17.48 16.58
C TRP A 270 9.11 -17.20 15.09
N VAL A 271 8.82 -18.25 14.31
CA VAL A 271 8.46 -18.13 12.91
C VAL A 271 7.13 -18.84 12.70
N GLY A 272 6.19 -18.17 12.04
CA GLY A 272 4.88 -18.72 11.79
C GLY A 272 4.83 -19.55 10.51
N ALA A 273 3.69 -20.23 10.34
CA ALA A 273 3.45 -21.03 9.14
C ALA A 273 3.15 -20.14 7.94
N TRP A 274 4.21 -19.48 7.46
CA TRP A 274 4.08 -18.54 6.35
C TRP A 274 3.64 -19.25 5.08
N TRP A 275 3.99 -20.53 4.94
CA TRP A 275 3.76 -21.24 3.69
C TRP A 275 2.29 -21.63 3.51
N LEU A 276 1.54 -21.74 4.61
CA LEU A 276 0.18 -22.27 4.54
C LEU A 276 -0.76 -21.37 3.74
N GLY A 277 -0.67 -20.06 3.96
CA GLY A 277 -1.49 -19.12 3.23
C GLY A 277 -1.21 -19.14 1.74
N TYR A 278 0.05 -19.40 1.36
CA TYR A 278 0.35 -19.51 -0.06
C TYR A 278 -0.31 -20.73 -0.69
N LEU A 279 -0.34 -21.86 0.02
CA LEU A 279 -1.07 -23.02 -0.49
C LEU A 279 -2.55 -22.70 -0.65
N ILE A 280 -3.13 -22.04 0.36
CA ILE A 280 -4.55 -21.71 0.32
C ILE A 280 -4.86 -20.77 -0.84
N ALA A 281 -4.04 -19.72 -0.99
CA ALA A 281 -4.27 -18.74 -2.04
C ALA A 281 -4.04 -19.33 -3.43
N GLY A 282 -3.03 -20.18 -3.59
CA GLY A 282 -2.81 -20.84 -4.86
C GLY A 282 -3.96 -21.74 -5.24
N ILE A 283 -4.50 -22.49 -4.27
CA ILE A 283 -5.66 -23.32 -4.55
C ILE A 283 -6.86 -22.48 -4.96
N ILE A 284 -7.09 -21.37 -4.25
CA ILE A 284 -8.21 -20.49 -4.58
C ILE A 284 -8.05 -19.92 -5.98
N SER A 285 -6.83 -19.53 -6.35
CA SER A 285 -6.60 -19.00 -7.70
C SER A 285 -6.83 -20.07 -8.75
N LEU A 286 -6.39 -21.31 -8.50
CA LEU A 286 -6.65 -22.39 -9.45
C LEU A 286 -8.14 -22.65 -9.60
N LEU A 287 -8.89 -22.59 -8.50
CA LEU A 287 -10.33 -22.77 -8.57
C LEU A 287 -11.00 -21.64 -9.33
N ALA A 288 -10.48 -20.41 -9.20
CA ALA A 288 -11.03 -19.26 -9.90
C ALA A 288 -10.95 -19.39 -11.42
N ALA A 289 -10.03 -20.19 -11.94
CA ALA A 289 -9.88 -20.37 -13.39
C ALA A 289 -10.95 -21.25 -14.02
N VAL A 290 -11.62 -22.09 -13.23
CA VAL A 290 -12.55 -23.10 -13.74
C VAL A 290 -13.71 -22.50 -14.54
N PRO A 291 -14.42 -21.48 -14.05
CA PRO A 291 -15.58 -20.98 -14.81
C PRO A 291 -15.24 -20.40 -16.17
N PHE A 292 -13.99 -20.01 -16.40
CA PHE A 292 -13.61 -19.35 -17.65
C PHE A 292 -13.36 -20.31 -18.79
N TRP A 293 -13.43 -21.62 -18.56
CA TRP A 293 -13.39 -22.56 -19.66
C TRP A 293 -14.78 -22.93 -20.18
N TYR A 294 -15.84 -22.39 -19.58
CA TYR A 294 -17.20 -22.62 -20.04
C TYR A 294 -17.86 -21.34 -20.55
N LEU A 295 -17.16 -20.21 -20.51
CA LEU A 295 -17.74 -18.93 -20.88
C LEU A 295 -17.44 -18.65 -22.34
N PRO A 296 -18.40 -18.08 -23.09
CA PRO A 296 -18.19 -17.92 -24.54
C PRO A 296 -17.27 -16.76 -24.89
N LYS A 297 -16.66 -16.85 -26.09
CA LYS A 297 -15.79 -15.79 -26.58
C LYS A 297 -16.54 -14.49 -26.81
N SER A 298 -17.80 -14.56 -27.21
CA SER A 298 -18.55 -13.36 -27.55
C SER A 298 -19.98 -13.49 -27.04
N LEU A 299 -20.62 -12.35 -26.83
CA LEU A 299 -22.01 -12.31 -26.40
C LEU A 299 -22.83 -11.43 -27.34
N PRO A 300 -24.14 -11.69 -27.46
CA PRO A 300 -25.03 -10.88 -28.29
C PRO A 300 -25.06 -9.41 -27.90
N ALA A 333 -0.96 -16.40 -38.38
CA ALA A 333 -1.45 -15.58 -39.49
C ALA A 333 -2.12 -14.31 -38.98
N LYS A 334 -3.15 -14.48 -38.14
CA LYS A 334 -3.80 -13.33 -37.54
C LYS A 334 -2.89 -12.64 -36.54
N ILE A 335 -2.05 -13.40 -35.83
CA ILE A 335 -1.09 -12.80 -34.91
C ILE A 335 -0.10 -11.92 -35.67
N MET A 336 0.35 -12.38 -36.84
CA MET A 336 1.27 -11.61 -37.66
C MET A 336 0.61 -10.33 -38.17
N GLU A 337 -0.69 -10.40 -38.41
CA GLU A 337 -1.47 -9.24 -38.83
C GLU A 337 -1.73 -8.26 -37.69
N MET A 338 -1.88 -8.75 -36.46
CA MET A 338 -1.94 -7.86 -35.31
C MET A 338 -0.60 -7.21 -35.04
N ALA A 339 0.49 -7.94 -35.28
CA ALA A 339 1.81 -7.39 -35.05
C ALA A 339 2.07 -6.19 -35.95
N ARG A 340 1.60 -6.25 -37.20
CA ARG A 340 1.77 -5.12 -38.11
C ARG A 340 0.94 -3.92 -37.69
N ASP A 341 -0.24 -4.15 -37.13
CA ASP A 341 -1.10 -3.04 -36.72
C ASP A 341 -0.83 -2.55 -35.31
N PHE A 342 0.11 -3.17 -34.60
CA PHE A 342 0.42 -2.74 -33.24
C PHE A 342 0.78 -1.26 -33.18
N LEU A 343 1.71 -0.83 -34.03
CA LEU A 343 2.15 0.57 -34.04
C LEU A 343 1.02 1.53 -34.45
N PRO A 344 0.24 1.24 -35.51
CA PRO A 344 -0.91 2.10 -35.81
C PRO A 344 -1.90 2.22 -34.67
N SER A 345 -2.16 1.12 -33.95
CA SER A 345 -3.09 1.18 -32.83
C SER A 345 -2.53 2.02 -31.69
N LEU A 346 -1.22 1.95 -31.45
CA LEU A 346 -0.61 2.78 -30.42
C LEU A 346 -0.73 4.25 -30.75
N LYS A 347 -0.49 4.63 -32.01
CA LYS A 347 -0.66 6.01 -32.44
C LYS A 347 -2.13 6.42 -32.38
N ASN A 348 -3.04 5.50 -32.67
CA ASN A 348 -4.46 5.79 -32.56
C ASN A 348 -4.85 6.13 -31.12
N LEU A 349 -4.36 5.35 -30.15
CA LEU A 349 -4.65 5.64 -28.75
C LEU A 349 -4.00 6.96 -28.32
N PHE A 350 -2.73 7.16 -28.66
CA PHE A 350 -2.04 8.35 -28.20
C PHE A 350 -2.21 9.53 -29.15
N GLY A 351 -2.81 9.33 -30.31
CA GLY A 351 -3.27 10.46 -31.10
C GLY A 351 -4.62 10.96 -30.65
N ASN A 352 -5.27 10.23 -29.75
CA ASN A 352 -6.57 10.58 -29.21
C ASN A 352 -6.33 11.52 -28.02
N PRO A 353 -6.79 12.77 -28.09
CA PRO A 353 -6.49 13.74 -27.02
C PRO A 353 -7.19 13.48 -25.70
N VAL A 354 -8.44 13.03 -25.71
CA VAL A 354 -9.13 12.71 -24.46
C VAL A 354 -8.42 11.59 -23.73
N TYR A 355 -8.04 10.54 -24.47
CA TYR A 355 -7.36 9.40 -23.85
C TYR A 355 -6.01 9.82 -23.27
N PHE A 356 -5.20 10.53 -24.06
CA PHE A 356 -3.88 10.92 -23.60
C PHE A 356 -3.95 11.85 -22.40
N LEU A 357 -4.86 12.82 -22.44
CA LEU A 357 -4.96 13.75 -21.32
C LEU A 357 -5.55 13.09 -20.08
N TYR A 358 -6.48 12.16 -20.24
CA TYR A 358 -6.96 11.43 -19.07
C TYR A 358 -5.85 10.56 -18.49
N LEU A 359 -5.01 9.98 -19.35
CA LEU A 359 -3.87 9.22 -18.87
C LEU A 359 -2.94 10.09 -18.05
N CYS A 360 -2.63 11.30 -18.55
CA CYS A 360 -1.77 12.21 -17.81
C CYS A 360 -2.41 12.62 -16.49
N THR A 361 -3.71 12.95 -16.52
CA THR A 361 -4.43 13.35 -15.32
C THR A 361 -4.40 12.25 -14.26
N SER A 362 -4.71 11.02 -14.67
CA SER A 362 -4.72 9.89 -13.73
C SER A 362 -3.33 9.61 -13.21
N THR A 363 -2.30 9.72 -14.06
CA THR A 363 -0.95 9.49 -13.61
C THR A 363 -0.54 10.48 -12.53
N VAL A 364 -0.84 11.77 -12.74
CA VAL A 364 -0.48 12.77 -11.75
C VAL A 364 -1.29 12.58 -10.47
N GLN A 365 -2.59 12.33 -10.60
CA GLN A 365 -3.41 12.11 -9.43
C GLN A 365 -2.95 10.89 -8.64
N PHE A 366 -2.52 9.82 -9.31
CA PHE A 366 -2.03 8.66 -8.60
C PHE A 366 -0.63 8.86 -8.04
N ASN A 367 0.19 9.72 -8.65
CA ASN A 367 1.42 10.14 -7.98
C ASN A 367 1.08 10.79 -6.64
N SER A 368 0.06 11.65 -6.63
CA SER A 368 -0.40 12.22 -5.36
C SER A 368 -0.89 11.13 -4.40
N LEU A 369 -1.76 10.25 -4.88
CA LEU A 369 -2.49 9.31 -4.02
C LEU A 369 -1.60 8.20 -3.48
N PHE A 370 -0.74 7.60 -4.31
CA PHE A 370 0.18 6.60 -3.82
C PHE A 370 1.11 7.19 -2.77
N GLY A 371 1.62 8.39 -3.02
CA GLY A 371 2.47 9.04 -2.04
C GLY A 371 1.77 9.28 -0.72
N MET A 372 0.52 9.75 -0.79
CA MET A 372 -0.23 9.99 0.44
C MET A 372 -0.51 8.69 1.18
N VAL A 373 -0.94 7.66 0.46
CA VAL A 373 -1.36 6.40 1.10
C VAL A 373 -0.16 5.67 1.70
N THR A 374 0.97 5.64 1.00
CA THR A 374 2.13 4.90 1.47
C THR A 374 2.60 5.38 2.84
N TYR A 375 2.62 6.70 3.05
CA TYR A 375 3.15 7.29 4.28
C TYR A 375 2.06 7.80 5.21
N LYS A 376 0.81 7.45 4.94
CA LYS A 376 -0.25 7.76 5.88
C LYS A 376 -0.07 7.04 7.21
N PRO A 377 0.28 5.71 7.24
CA PRO A 377 0.48 5.06 8.55
C PRO A 377 1.56 5.74 9.37
N LYS A 378 2.69 6.01 8.72
CA LYS A 378 3.78 6.70 9.40
C LYS A 378 3.40 8.11 9.80
N TYR A 379 2.61 8.82 8.99
CA TYR A 379 2.15 10.14 9.40
C TYR A 379 1.28 10.05 10.65
N ILE A 380 0.37 9.08 10.70
CA ILE A 380 -0.46 8.90 11.88
C ILE A 380 0.40 8.64 13.11
N GLU A 381 1.33 7.68 13.02
CA GLU A 381 2.17 7.34 14.15
C GLU A 381 3.03 8.52 14.62
N GLN A 382 3.67 9.22 13.67
CA GLN A 382 4.60 10.27 14.05
C GLN A 382 3.88 11.55 14.48
N GLN A 383 2.99 12.06 13.63
CA GLN A 383 2.29 13.30 13.90
C GLN A 383 1.36 13.19 15.10
N TYR A 384 0.64 12.07 15.26
CA TYR A 384 -0.34 11.97 16.32
C TYR A 384 0.03 10.99 17.43
N GLY A 385 1.26 10.49 17.47
CA GLY A 385 1.72 9.69 18.59
C GLY A 385 1.04 8.35 18.73
N GLN A 386 0.46 7.83 17.67
CA GLN A 386 -0.22 6.54 17.74
C GLN A 386 0.76 5.41 17.48
N SER A 387 0.41 4.22 17.96
CA SER A 387 1.22 3.04 17.69
C SER A 387 1.02 2.57 16.26
N SER A 388 1.95 1.75 15.78
CA SER A 388 1.85 1.21 14.43
C SER A 388 0.59 0.39 14.25
N SER A 389 0.24 -0.40 15.27
CA SER A 389 -0.96 -1.22 15.22
C SER A 389 -2.21 -0.36 15.05
N ARG A 390 -2.30 0.73 15.82
CA ARG A 390 -3.47 1.59 15.73
C ARG A 390 -3.58 2.27 14.37
N ALA A 391 -2.45 2.73 13.83
CA ALA A 391 -2.43 3.34 12.51
C ALA A 391 -2.90 2.34 11.45
N ASN A 392 -2.39 1.12 11.50
CA ASN A 392 -2.82 0.10 10.54
C ASN A 392 -4.29 -0.22 10.70
N PHE A 393 -4.79 -0.30 11.93
CA PHE A 393 -6.21 -0.57 12.13
C PHE A 393 -7.09 0.54 11.57
N VAL A 394 -6.75 1.80 11.84
CA VAL A 394 -7.61 2.87 11.36
C VAL A 394 -7.53 2.99 9.84
N ILE A 395 -6.39 2.68 9.22
CA ILE A 395 -6.29 2.78 7.77
C ILE A 395 -7.00 1.60 7.09
N GLY A 396 -6.74 0.38 7.56
CA GLY A 396 -7.28 -0.78 6.88
C GLY A 396 -8.76 -0.98 7.15
N LEU A 397 -9.23 -0.59 8.33
CA LEU A 397 -10.58 -0.94 8.72
C LEU A 397 -11.57 0.20 8.57
N ILE A 398 -11.09 1.44 8.45
CA ILE A 398 -11.95 2.60 8.27
C ILE A 398 -11.73 3.27 6.92
N ASN A 399 -10.47 3.59 6.60
CA ASN A 399 -10.18 4.33 5.39
C ASN A 399 -10.41 3.48 4.13
N ILE A 400 -9.91 2.24 4.13
CA ILE A 400 -10.09 1.36 2.97
C ILE A 400 -11.57 1.10 2.70
N PRO A 401 -12.42 0.80 3.70
CA PRO A 401 -13.86 0.70 3.41
C PRO A 401 -14.45 1.98 2.83
N ALA A 402 -13.97 3.15 3.27
CA ALA A 402 -14.47 4.40 2.69
C ALA A 402 -14.08 4.52 1.23
N VAL A 403 -12.87 4.10 0.88
CA VAL A 403 -12.45 4.10 -0.52
C VAL A 403 -13.32 3.15 -1.35
N ALA A 404 -13.57 1.95 -0.81
CA ALA A 404 -14.39 0.98 -1.51
C ALA A 404 -15.81 1.51 -1.72
N LEU A 405 -16.36 2.14 -0.68
CA LEU A 405 -17.68 2.75 -0.78
C LEU A 405 -17.72 3.86 -1.81
N GLY A 406 -16.66 4.67 -1.89
CA GLY A 406 -16.59 5.72 -2.88
C GLY A 406 -16.60 5.17 -4.29
N ILE A 407 -15.79 4.14 -4.54
CA ILE A 407 -15.75 3.50 -5.85
C ILE A 407 -17.12 2.94 -6.23
N PHE A 408 -17.73 2.21 -5.30
CA PHE A 408 -19.03 1.60 -5.57
C PHE A 408 -20.11 2.65 -5.79
N SER A 409 -20.09 3.73 -5.02
CA SER A 409 -21.09 4.77 -5.18
C SER A 409 -20.90 5.54 -6.48
N GLY A 410 -19.66 5.72 -6.93
CA GLY A 410 -19.44 6.28 -8.24
C GLY A 410 -20.06 5.43 -9.34
N GLY A 411 -19.86 4.11 -9.26
CA GLY A 411 -20.54 3.22 -10.19
C GLY A 411 -22.06 3.33 -10.12
N ILE A 412 -22.60 3.38 -8.90
CA ILE A 412 -24.04 3.50 -8.72
C ILE A 412 -24.56 4.79 -9.34
N VAL A 413 -23.87 5.90 -9.12
CA VAL A 413 -24.30 7.18 -9.64
C VAL A 413 -24.27 7.18 -11.17
N MET A 414 -23.22 6.58 -11.74
CA MET A 414 -23.16 6.47 -13.20
C MET A 414 -24.33 5.67 -13.74
N LYS A 415 -24.68 4.57 -13.08
CA LYS A 415 -25.78 3.73 -13.59
C LYS A 415 -27.14 4.39 -13.40
N LYS A 416 -27.41 4.92 -12.21
CA LYS A 416 -28.76 5.34 -11.85
C LYS A 416 -29.24 6.53 -12.66
N PHE A 417 -28.36 7.51 -12.90
CA PHE A 417 -28.73 8.72 -13.61
C PHE A 417 -28.31 8.71 -15.07
N ARG A 418 -27.89 7.56 -15.60
CA ARG A 418 -27.55 7.40 -17.01
C ARG A 418 -26.57 8.48 -17.47
N ILE A 419 -25.54 8.70 -16.64
CA ILE A 419 -24.61 9.80 -16.87
C ILE A 419 -23.81 9.53 -18.13
N SER A 420 -23.68 10.58 -18.95
CA SER A 420 -22.95 10.48 -20.21
C SER A 420 -21.44 10.61 -19.97
N VAL A 421 -20.69 10.63 -21.08
CA VAL A 421 -19.23 10.75 -20.98
C VAL A 421 -18.84 12.12 -20.43
N CYS A 422 -19.50 13.17 -20.93
CA CYS A 422 -19.24 14.51 -20.41
C CYS A 422 -19.61 14.63 -18.93
N GLY A 423 -20.74 14.06 -18.55
CA GLY A 423 -21.10 14.03 -17.14
C GLY A 423 -20.11 13.23 -16.30
N ALA A 424 -19.57 12.16 -16.87
CA ALA A 424 -18.52 11.40 -16.18
C ALA A 424 -17.29 12.25 -15.95
N ALA A 425 -16.87 13.02 -16.96
CA ALA A 425 -15.73 13.90 -16.79
C ALA A 425 -16.00 14.97 -15.74
N LYS A 426 -17.22 15.52 -15.74
CA LYS A 426 -17.59 16.51 -14.74
C LYS A 426 -17.55 15.91 -13.34
N LEU A 427 -18.08 14.70 -13.17
CA LEU A 427 -18.07 14.05 -11.86
C LEU A 427 -16.66 13.76 -11.40
N TYR A 428 -15.80 13.32 -12.31
CA TYR A 428 -14.39 13.08 -11.98
C TYR A 428 -13.73 14.38 -11.50
N LEU A 429 -13.93 15.46 -12.25
CA LEU A 429 -13.34 16.74 -11.88
C LEU A 429 -13.86 17.23 -10.53
N GLY A 430 -15.18 17.11 -10.31
CA GLY A 430 -15.76 17.58 -9.07
C GLY A 430 -15.30 16.77 -7.87
N SER A 431 -15.22 15.46 -8.01
CA SER A 431 -14.72 14.62 -6.93
C SER A 431 -13.28 14.98 -6.59
N SER A 432 -12.44 15.19 -7.62
CA SER A 432 -11.07 15.58 -7.34
C SER A 432 -11.00 16.94 -6.64
N VAL A 433 -11.78 17.91 -7.12
CA VAL A 433 -11.74 19.27 -6.56
C VAL A 433 -12.16 19.24 -5.10
N PHE A 434 -13.29 18.60 -4.80
CA PHE A 434 -13.77 18.59 -3.43
C PHE A 434 -12.95 17.69 -2.52
N GLY A 435 -12.35 16.61 -3.05
CA GLY A 435 -11.47 15.79 -2.24
C GLY A 435 -10.22 16.54 -1.82
N TYR A 436 -9.59 17.24 -2.76
CA TYR A 436 -8.36 17.96 -2.40
C TYR A 436 -8.65 19.22 -1.59
N LEU A 437 -9.81 19.86 -1.78
CA LEU A 437 -10.18 20.95 -0.89
C LEU A 437 -10.35 20.46 0.55
N LEU A 438 -11.00 19.30 0.72
CA LEU A 438 -11.10 18.70 2.05
C LEU A 438 -9.73 18.34 2.60
N PHE A 439 -8.86 17.80 1.75
CA PHE A 439 -7.51 17.44 2.17
C PHE A 439 -6.72 18.66 2.63
N LEU A 440 -7.02 19.84 2.09
CA LEU A 440 -6.35 21.05 2.55
C LEU A 440 -6.58 21.31 4.03
N SER A 441 -7.75 20.92 4.55
CA SER A 441 -8.06 21.20 5.95
C SER A 441 -7.18 20.43 6.92
N LEU A 442 -6.46 19.41 6.45
CA LEU A 442 -5.54 18.67 7.32
C LEU A 442 -4.35 19.51 7.77
N PHE A 443 -4.03 20.59 7.05
CA PHE A 443 -2.93 21.46 7.46
C PHE A 443 -3.18 22.06 8.83
N ALA A 444 -4.46 22.26 9.19
CA ALA A 444 -4.79 22.88 10.46
C ALA A 444 -4.90 21.89 11.61
N LEU A 445 -4.91 20.59 11.31
CA LEU A 445 -5.03 19.56 12.35
C LEU A 445 -3.63 19.02 12.63
N GLY A 446 -2.78 19.86 13.21
CA GLY A 446 -1.42 19.44 13.45
C GLY A 446 -1.06 19.44 14.92
N CYS A 447 -0.22 18.49 15.33
CA CYS A 447 0.31 18.44 16.67
C CYS A 447 1.76 18.94 16.69
N GLU A 448 2.13 19.59 17.78
CA GLU A 448 3.50 20.07 17.93
C GLU A 448 4.44 18.91 18.24
N ASN A 449 5.73 19.16 18.06
CA ASN A 449 6.76 18.19 18.42
C ASN A 449 6.68 17.86 19.91
N SER A 450 6.79 16.57 20.22
CA SER A 450 6.95 16.16 21.60
C SER A 450 8.33 16.57 22.11
N ASP A 451 8.41 16.88 23.39
CA ASP A 451 9.67 17.32 23.98
C ASP A 451 10.62 16.14 24.12
N VAL A 452 11.69 16.15 23.32
CA VAL A 452 12.75 15.15 23.41
C VAL A 452 14.04 15.88 23.73
N ALA A 453 14.67 15.51 24.85
CA ALA A 453 15.84 16.24 25.34
C ALA A 453 17.02 16.08 24.40
N GLY A 454 17.55 17.20 23.93
CA GLY A 454 18.68 17.21 23.03
C GLY A 454 18.32 17.23 21.56
N LEU A 455 17.10 16.86 21.20
CA LEU A 455 16.67 16.84 19.81
C LEU A 455 15.64 17.90 19.50
N THR A 456 14.53 17.94 20.23
CA THR A 456 13.55 19.01 20.07
C THR A 456 13.66 20.06 21.16
N VAL A 457 14.02 19.67 22.37
CA VAL A 457 14.28 20.61 23.45
C VAL A 457 15.63 20.28 24.06
N SER A 458 16.20 21.26 24.75
CA SER A 458 17.44 21.05 25.48
C SER A 458 17.16 20.33 26.80
N TYR A 459 18.23 19.94 27.48
CA TYR A 459 18.10 19.20 28.74
C TYR A 459 17.60 20.09 29.87
N GLN A 460 17.58 21.41 29.63
CA GLN A 460 17.00 22.35 30.58
C GLN A 460 15.54 22.65 30.29
N GLY A 461 14.94 21.97 29.31
CA GLY A 461 13.54 22.16 29.02
C GLY A 461 13.23 23.41 28.22
N THR A 462 14.20 23.95 27.50
CA THR A 462 14.01 25.14 26.67
C THR A 462 13.49 24.69 25.30
N LYS A 463 12.50 25.42 24.78
CA LYS A 463 11.82 25.07 23.54
C LYS A 463 12.76 25.26 22.35
N PRO A 464 12.31 25.00 21.08
CA PRO A 464 13.18 24.27 20.14
C PRO A 464 14.55 24.88 19.88
N VAL A 465 15.59 24.10 20.20
CA VAL A 465 16.96 24.39 19.78
C VAL A 465 17.09 24.10 18.29
N SER A 466 18.19 24.53 17.68
CA SER A 466 18.36 24.41 16.25
C SER A 466 19.20 23.18 15.96
N TYR A 467 19.54 22.99 14.68
CA TYR A 467 20.32 21.83 14.25
C TYR A 467 21.69 21.82 14.90
N HIS A 468 22.32 22.99 15.03
CA HIS A 468 23.65 23.10 15.59
C HIS A 468 23.66 22.87 17.10
N GLU A 469 22.50 22.82 17.73
CA GLU A 469 22.37 22.41 19.12
C GLU A 469 21.58 21.12 19.15
N ARG A 470 22.29 20.00 18.93
CA ARG A 470 21.75 18.66 19.15
C ARG A 470 22.82 17.88 19.89
N ALA A 471 22.82 18.02 21.22
CA ALA A 471 23.83 17.37 22.06
C ALA A 471 23.24 16.18 22.80
N LEU A 472 23.36 14.99 22.24
CA LEU A 472 22.88 13.78 22.89
C LEU A 472 23.55 13.55 24.24
N PHE A 473 24.74 14.08 24.44
CA PHE A 473 25.38 14.04 25.76
C PHE A 473 25.31 15.42 26.41
N SER A 474 25.06 15.43 27.71
CA SER A 474 24.98 16.65 28.49
C SER A 474 25.76 16.47 29.79
N ASP A 475 25.72 17.51 30.63
CA ASP A 475 26.39 17.45 31.92
C ASP A 475 25.74 16.42 32.83
N CYS A 476 24.42 16.31 32.77
CA CYS A 476 23.67 15.44 33.68
C CYS A 476 23.85 13.97 33.32
N ASN A 477 24.43 13.67 32.16
CA ASN A 477 24.74 12.29 31.80
C ASN A 477 26.18 12.07 31.36
N SER A 478 27.10 12.99 31.68
CA SER A 478 28.48 12.82 31.29
C SER A 478 29.14 11.63 31.98
N ARG A 479 28.71 11.33 33.21
CA ARG A 479 29.31 10.24 33.98
C ARG A 479 29.01 8.86 33.40
N CYS A 480 28.01 8.74 32.53
CA CYS A 480 27.57 7.45 32.02
C CYS A 480 27.99 7.32 30.55
N LYS A 481 28.51 6.15 30.20
CA LYS A 481 28.91 5.85 28.82
C LYS A 481 27.72 5.24 28.09
N CYS A 482 27.00 6.07 27.37
CA CYS A 482 25.78 5.66 26.69
C CYS A 482 26.00 5.61 25.17
N SER A 483 25.27 4.71 24.52
CA SER A 483 25.38 4.54 23.09
C SER A 483 24.58 5.62 22.37
N GLU A 484 25.21 6.26 21.38
CA GLU A 484 24.54 7.30 20.60
C GLU A 484 23.54 6.71 19.62
N THR A 485 23.88 5.60 18.97
CA THR A 485 23.03 5.03 17.93
C THR A 485 21.79 4.37 18.50
N LYS A 486 21.81 4.00 19.78
CA LYS A 486 20.69 3.28 20.38
C LYS A 486 19.55 4.22 20.72
N TRP A 487 18.33 3.81 20.39
CA TRP A 487 17.12 4.56 20.66
C TRP A 487 16.22 3.69 21.54
N GLU A 488 16.26 3.93 22.84
CA GLU A 488 15.38 3.27 23.80
C GLU A 488 14.69 4.36 24.61
N PRO A 489 13.76 5.09 23.99
CA PRO A 489 13.20 6.28 24.64
C PRO A 489 12.39 5.92 25.87
N MET A 490 12.41 6.81 26.85
CA MET A 490 11.60 6.65 28.04
C MET A 490 10.97 7.99 28.40
N CYS A 491 9.78 7.91 28.98
CA CYS A 491 9.05 9.10 29.42
C CYS A 491 9.37 9.37 30.89
N GLY A 492 10.05 10.48 31.14
CA GLY A 492 10.38 10.83 32.50
C GLY A 492 9.21 11.48 33.21
N GLU A 493 9.35 11.64 34.53
CA GLU A 493 8.33 12.30 35.32
C GLU A 493 8.22 13.78 34.99
N ASN A 494 9.28 14.38 34.46
CA ASN A 494 9.30 15.81 34.15
C ASN A 494 8.55 16.15 32.87
N GLY A 495 8.04 15.16 32.16
CA GLY A 495 7.35 15.40 30.90
C GLY A 495 8.25 15.54 29.69
N ILE A 496 9.56 15.37 29.87
CA ILE A 496 10.51 15.43 28.76
C ILE A 496 10.97 14.02 28.42
N THR A 497 10.85 13.65 27.16
CA THR A 497 11.29 12.35 26.70
C THR A 497 12.80 12.37 26.52
N TYR A 498 13.46 11.29 26.91
CA TYR A 498 14.90 11.15 26.76
C TYR A 498 15.20 9.99 25.81
N VAL A 499 16.31 10.11 25.09
CA VAL A 499 16.65 9.11 24.09
C VAL A 499 16.86 7.74 24.74
N SER A 500 17.50 7.70 25.90
CA SER A 500 17.66 6.46 26.64
C SER A 500 17.74 6.77 28.12
N ALA A 501 17.45 5.75 28.94
CA ALA A 501 17.55 5.90 30.38
C ALA A 501 18.99 6.21 30.81
N CYS A 502 19.96 5.69 30.08
CA CYS A 502 21.36 6.04 30.33
C CYS A 502 21.60 7.52 30.15
N LEU A 503 20.99 8.11 29.11
CA LEU A 503 21.19 9.53 28.82
C LEU A 503 20.51 10.44 29.82
N ALA A 504 19.64 9.90 30.68
CA ALA A 504 19.11 10.67 31.79
C ALA A 504 19.82 10.39 33.11
N GLY A 505 20.86 9.56 33.09
CA GLY A 505 21.57 9.24 34.31
C GLY A 505 20.86 8.28 35.24
N CYS A 506 19.93 7.49 34.71
CA CYS A 506 19.19 6.54 35.53
C CYS A 506 20.11 5.42 36.00
N GLN A 507 20.04 5.11 37.28
CA GLN A 507 20.96 4.16 37.90
C GLN A 507 20.30 2.90 38.39
N THR A 508 19.02 2.94 38.75
CA THR A 508 18.29 1.77 39.21
C THR A 508 17.03 1.58 38.37
N SER A 509 16.70 0.32 38.11
CA SER A 509 15.52 -0.04 37.34
C SER A 509 14.79 -1.18 38.03
N ASN A 510 13.47 -1.04 38.16
CA ASN A 510 12.65 -2.01 38.85
C ASN A 510 11.46 -2.40 37.97
N ARG A 511 11.12 -3.69 37.97
CA ARG A 511 10.01 -4.21 37.18
C ARG A 511 8.78 -4.28 38.08
N SER A 512 7.77 -3.48 37.76
CA SER A 512 6.49 -3.48 38.45
C SER A 512 5.44 -3.97 37.47
N GLY A 513 5.00 -5.21 37.65
CA GLY A 513 4.03 -5.79 36.73
C GLY A 513 4.57 -5.84 35.32
N LYS A 514 3.81 -5.32 34.36
CA LYS A 514 4.25 -5.26 32.98
C LYS A 514 5.09 -4.02 32.69
N ASN A 515 5.29 -3.15 33.67
CA ASN A 515 6.00 -1.89 33.47
C ASN A 515 7.40 -1.97 34.06
N ILE A 516 8.30 -1.14 33.52
CA ILE A 516 9.66 -0.99 34.05
C ILE A 516 9.88 0.47 34.38
N ILE A 517 10.31 0.74 35.61
CA ILE A 517 10.46 2.10 36.12
C ILE A 517 11.91 2.34 36.48
N PHE A 518 12.45 3.46 36.01
CA PHE A 518 13.80 3.89 36.33
C PHE A 518 13.76 4.90 37.47
N TYR A 519 14.86 5.00 38.20
CA TYR A 519 14.97 5.92 39.33
C TYR A 519 16.35 6.59 39.32
N ASN A 520 16.46 7.64 40.13
CA ASN A 520 17.71 8.37 40.34
C ASN A 520 18.27 8.89 39.02
N CYS A 521 17.37 9.36 38.16
CA CYS A 521 17.75 9.88 36.84
C CYS A 521 18.11 11.36 37.01
N THR A 522 19.40 11.66 36.86
CA THR A 522 19.89 13.00 37.19
C THR A 522 19.29 14.06 36.27
N CYS A 523 19.17 13.75 34.98
CA CYS A 523 18.61 14.72 34.04
C CYS A 523 17.15 15.03 34.33
N VAL A 524 16.38 14.03 34.76
CA VAL A 524 14.98 14.25 35.06
C VAL A 524 14.81 15.20 36.25
N GLY A 525 15.71 15.11 37.24
CA GLY A 525 15.59 15.93 38.43
C GLY A 525 15.95 17.39 38.27
N ILE A 526 16.58 17.76 37.15
CA ILE A 526 16.94 19.15 36.91
C ILE A 526 15.69 19.96 36.55
N SER A 534 12.76 11.80 40.55
CA SER A 534 13.47 11.49 39.32
C SER A 534 13.20 10.06 38.88
N SER A 535 12.04 9.85 38.26
CA SER A 535 11.63 8.53 37.77
C SER A 535 11.27 8.61 36.29
N GLY A 536 11.25 7.46 35.65
CA GLY A 536 10.88 7.39 34.24
C GLY A 536 10.40 6.00 33.87
N ILE A 537 9.35 5.98 33.06
CA ILE A 537 8.78 4.74 32.55
C ILE A 537 9.21 4.57 31.10
N VAL A 538 8.93 3.39 30.55
CA VAL A 538 9.39 3.06 29.19
C VAL A 538 8.41 3.63 28.18
N GLY A 539 8.95 4.19 27.10
CA GLY A 539 8.16 4.69 25.99
C GLY A 539 8.15 6.21 25.94
N ARG A 540 7.68 6.71 24.79
CA ARG A 540 7.54 8.14 24.57
C ARG A 540 6.42 8.71 25.44
N CYS A 541 6.62 9.94 25.91
CA CYS A 541 5.55 10.63 26.62
C CYS A 541 4.36 10.86 25.70
N GLN A 542 3.16 10.63 26.23
CA GLN A 542 1.94 10.84 25.47
C GLN A 542 1.75 12.33 25.16
N LYS A 543 1.30 12.60 23.94
CA LYS A 543 1.02 13.96 23.52
C LYS A 543 -0.25 14.44 24.23
N ASP A 544 -0.16 15.59 24.90
CA ASP A 544 -1.18 16.02 25.84
C ASP A 544 -2.08 17.11 25.27
N ASN A 545 -1.48 18.18 24.75
CA ASN A 545 -2.23 19.39 24.45
C ASN A 545 -3.11 19.24 23.21
N GLY A 546 -4.25 18.55 23.37
CA GLY A 546 -5.25 18.50 22.33
C GLY A 546 -4.87 17.69 21.10
N CYS A 547 -3.87 16.84 21.19
CA CYS A 547 -3.46 16.04 20.03
C CYS A 547 -4.42 14.88 19.77
N PRO A 548 -4.96 14.20 20.79
CA PRO A 548 -6.01 13.20 20.51
C PRO A 548 -7.22 13.77 19.77
N GLN A 549 -7.66 14.98 20.13
CA GLN A 549 -8.76 15.60 19.41
C GLN A 549 -8.37 15.94 17.97
N MET A 550 -7.13 16.43 17.78
CA MET A 550 -6.63 16.66 16.44
C MET A 550 -6.60 15.37 15.63
N PHE A 551 -6.23 14.26 16.27
CA PHE A 551 -6.19 12.98 15.56
C PHE A 551 -7.59 12.49 15.20
N LEU A 552 -8.57 12.72 16.08
CA LEU A 552 -9.95 12.36 15.72
C LEU A 552 -10.45 13.18 14.54
N TYR A 553 -10.17 14.49 14.54
CA TYR A 553 -10.53 15.32 13.40
C TYR A 553 -9.83 14.85 12.13
N PHE A 554 -8.54 14.49 12.26
CA PHE A 554 -7.79 13.97 11.12
C PHE A 554 -8.45 12.71 10.57
N LEU A 555 -8.87 11.81 11.46
CA LEU A 555 -9.52 10.58 11.03
C LEU A 555 -10.80 10.87 10.27
N VAL A 556 -11.66 11.72 10.81
CA VAL A 556 -12.93 12.02 10.16
C VAL A 556 -12.69 12.65 8.78
N ILE A 557 -11.79 13.63 8.72
CA ILE A 557 -11.56 14.33 7.47
C ILE A 557 -10.89 13.43 6.45
N SER A 558 -9.97 12.57 6.88
CA SER A 558 -9.31 11.67 5.94
C SER A 558 -10.27 10.63 5.40
N VAL A 559 -11.18 10.13 6.22
CA VAL A 559 -12.19 9.19 5.73
C VAL A 559 -13.09 9.87 4.70
N ILE A 560 -13.56 11.08 5.00
CA ILE A 560 -14.41 11.79 4.05
C ILE A 560 -13.66 12.08 2.76
N THR A 561 -12.40 12.48 2.87
CA THR A 561 -11.58 12.77 1.70
C THR A 561 -11.38 11.53 0.84
N SER A 562 -11.11 10.38 1.47
CA SER A 562 -10.94 9.15 0.73
C SER A 562 -12.20 8.79 -0.03
N TYR A 563 -13.36 8.87 0.64
CA TYR A 563 -14.62 8.59 -0.03
C TYR A 563 -14.84 9.54 -1.20
N THR A 564 -14.61 10.84 -0.99
CA THR A 564 -14.88 11.83 -2.03
C THR A 564 -13.97 11.64 -3.24
N LEU A 565 -12.68 11.37 -2.99
CA LEU A 565 -11.76 11.12 -4.09
C LEU A 565 -12.11 9.86 -4.85
N SER A 566 -12.50 8.80 -4.13
CA SER A 566 -12.84 7.55 -4.81
C SER A 566 -14.18 7.63 -5.53
N LEU A 567 -15.01 8.63 -5.21
CA LEU A 567 -16.28 8.82 -5.91
C LEU A 567 -16.06 9.07 -7.39
N GLY A 568 -14.87 9.52 -7.80
CA GLY A 568 -14.58 9.74 -9.20
C GLY A 568 -13.84 8.61 -9.90
N GLY A 569 -13.56 7.51 -9.22
CA GLY A 569 -12.80 6.42 -9.81
C GLY A 569 -13.46 5.74 -10.99
N ILE A 570 -14.71 5.34 -10.83
CA ILE A 570 -15.48 4.72 -11.91
C ILE A 570 -15.77 5.71 -13.04
N PRO A 571 -16.16 6.97 -12.77
CA PRO A 571 -16.32 7.93 -13.88
C PRO A 571 -15.09 8.10 -14.76
N GLY A 572 -13.89 8.16 -14.17
CA GLY A 572 -12.69 8.27 -14.98
C GLY A 572 -12.44 7.03 -15.82
N TYR A 573 -12.71 5.86 -15.23
CA TYR A 573 -12.61 4.62 -15.96
C TYR A 573 -13.55 4.58 -17.15
N ILE A 574 -14.79 5.04 -16.95
CA ILE A 574 -15.77 5.10 -18.03
C ILE A 574 -15.30 6.08 -19.10
N LEU A 575 -14.74 7.21 -18.67
CA LEU A 575 -14.18 8.17 -19.62
C LEU A 575 -13.13 7.50 -20.50
N LEU A 576 -12.22 6.76 -19.88
CA LEU A 576 -11.18 6.05 -20.61
C LEU A 576 -11.78 5.05 -21.59
N LEU A 577 -12.81 4.32 -21.15
CA LEU A 577 -13.36 3.26 -21.98
C LEU A 577 -14.19 3.80 -23.14
N ARG A 578 -14.83 4.95 -22.97
CA ARG A 578 -15.70 5.50 -24.00
C ARG A 578 -15.01 6.46 -24.95
N CYS A 579 -13.86 7.02 -24.58
CA CYS A 579 -13.20 8.00 -25.42
C CYS A 579 -12.52 7.40 -26.65
N ILE A 580 -12.36 6.07 -26.71
CA ILE A 580 -11.60 5.43 -27.76
C ILE A 580 -12.52 4.56 -28.60
N LYS A 581 -12.03 4.17 -29.78
CA LYS A 581 -12.78 3.26 -30.63
C LYS A 581 -12.83 1.89 -29.96
N PRO A 582 -14.00 1.23 -29.98
CA PRO A 582 -14.21 0.09 -29.06
C PRO A 582 -13.20 -1.03 -29.18
N GLN A 583 -12.74 -1.37 -30.38
CA GLN A 583 -11.86 -2.50 -30.55
C GLN A 583 -10.52 -2.34 -29.83
N LEU A 584 -10.18 -1.12 -29.40
CA LEU A 584 -8.94 -0.87 -28.67
C LEU A 584 -9.09 -0.93 -27.15
N LYS A 585 -10.29 -1.15 -26.61
CA LYS A 585 -10.53 -1.02 -25.18
C LYS A 585 -9.46 -1.73 -24.34
N SER A 586 -9.34 -3.04 -24.49
CA SER A 586 -8.40 -3.79 -23.66
C SER A 586 -6.99 -3.25 -23.82
N PHE A 587 -6.58 -2.97 -25.06
CA PHE A 587 -5.25 -2.42 -25.28
C PHE A 587 -5.07 -1.13 -24.49
N ALA A 588 -6.05 -0.22 -24.58
CA ALA A 588 -5.95 1.02 -23.81
C ALA A 588 -5.88 0.73 -22.33
N LEU A 589 -6.72 -0.18 -21.84
CA LEU A 589 -6.67 -0.55 -20.44
C LEU A 589 -5.30 -1.08 -20.05
N GLY A 590 -4.66 -1.82 -20.94
CA GLY A 590 -3.33 -2.31 -20.64
C GLY A 590 -2.38 -1.16 -20.48
N ILE A 591 -2.41 -0.23 -21.44
CA ILE A 591 -1.45 0.87 -21.43
C ILE A 591 -1.64 1.72 -20.18
N TYR A 592 -2.88 2.04 -19.87
CA TYR A 592 -3.23 2.76 -18.66
C TYR A 592 -2.60 2.06 -17.45
N THR A 593 -2.80 0.75 -17.35
CA THR A 593 -2.25 0.02 -16.19
C THR A 593 -0.74 0.11 -16.19
N LEU A 594 -0.11 0.03 -17.36
CA LEU A 594 1.33 0.18 -17.43
C LEU A 594 1.75 1.57 -16.98
N ALA A 595 0.99 2.60 -17.36
CA ALA A 595 1.36 3.96 -16.98
C ALA A 595 1.30 4.15 -15.47
N ILE A 596 0.17 3.81 -14.87
CA ILE A 596 -0.05 4.05 -13.44
C ILE A 596 1.02 3.34 -12.62
N ARG A 597 1.35 2.10 -12.99
CA ARG A 597 2.37 1.36 -12.26
C ARG A 597 3.73 2.01 -12.41
N VAL A 598 4.09 2.45 -13.63
CA VAL A 598 5.47 2.81 -13.90
C VAL A 598 5.72 4.27 -13.54
N LEU A 599 4.73 5.12 -13.73
CA LEU A 599 4.90 6.55 -13.51
C LEU A 599 4.34 7.03 -12.18
N ALA A 600 3.48 6.25 -11.53
CA ALA A 600 2.99 6.61 -10.20
C ALA A 600 3.28 5.54 -9.15
N GLY A 601 2.97 4.27 -9.44
CA GLY A 601 3.06 3.25 -8.41
C GLY A 601 4.47 3.03 -7.89
N ILE A 602 5.44 2.96 -8.80
CA ILE A 602 6.84 2.75 -8.41
C ILE A 602 7.47 4.04 -7.89
N PRO A 603 7.45 5.15 -8.64
CA PRO A 603 8.28 6.31 -8.22
C PRO A 603 7.74 7.06 -7.02
N ALA A 604 6.42 7.22 -6.87
CA ALA A 604 5.86 8.11 -5.86
C ALA A 604 6.28 7.73 -4.44
N PRO A 605 6.22 6.46 -4.04
CA PRO A 605 6.76 6.12 -2.70
C PRO A 605 8.20 6.51 -2.51
N VAL A 606 9.04 6.37 -3.54
CA VAL A 606 10.46 6.62 -3.39
C VAL A 606 10.73 8.08 -3.07
N TYR A 607 10.28 9.01 -3.93
CA TYR A 607 10.59 10.41 -3.70
C TYR A 607 9.78 11.04 -2.58
N PHE A 608 8.55 10.55 -2.33
CA PHE A 608 7.87 10.94 -1.10
C PHE A 608 8.71 10.58 0.11
N GLY A 609 9.26 9.37 0.14
CA GLY A 609 10.10 8.94 1.24
C GLY A 609 11.34 9.77 1.40
N VAL A 610 12.00 10.09 0.29
CA VAL A 610 13.19 10.94 0.35
C VAL A 610 12.86 12.31 0.95
N LEU A 611 11.83 12.97 0.41
CA LEU A 611 11.46 14.29 0.91
C LEU A 611 11.03 14.25 2.37
N ILE A 612 10.27 13.23 2.77
CA ILE A 612 9.83 13.12 4.15
C ILE A 612 11.02 12.86 5.08
N ASP A 613 11.94 11.99 4.65
CA ASP A 613 13.11 11.69 5.46
C ASP A 613 14.04 12.89 5.59
N THR A 614 13.89 13.90 4.74
CA THR A 614 14.61 15.14 5.02
C THR A 614 14.21 15.78 6.35
N SER A 615 13.07 15.39 6.94
CA SER A 615 12.59 15.94 8.20
C SER A 615 13.02 15.10 9.40
N CYS A 616 13.91 14.13 9.20
CA CYS A 616 14.29 13.23 10.28
C CYS A 616 15.21 13.94 11.27
N LEU A 617 14.98 13.69 12.56
CA LEU A 617 15.80 14.27 13.61
C LEU A 617 16.79 13.29 14.22
N LYS A 618 16.50 11.98 14.14
CA LYS A 618 17.32 10.96 14.79
C LYS A 618 17.26 9.69 13.95
N TRP A 619 18.38 9.35 13.31
CA TRP A 619 18.43 8.17 12.46
C TRP A 619 18.75 6.92 13.28
N GLY A 620 17.98 5.86 13.04
CA GLY A 620 18.37 4.56 13.54
C GLY A 620 19.47 3.96 12.70
N PHE A 621 20.31 3.14 13.32
CA PHE A 621 21.46 2.56 12.66
C PHE A 621 21.43 1.05 12.75
N LYS A 622 21.66 0.39 11.61
CA LYS A 622 21.68 -1.06 11.57
C LYS A 622 23.00 -1.59 12.11
N ARG A 623 23.10 -2.92 12.18
CA ARG A 623 24.27 -3.57 12.76
C ARG A 623 25.54 -3.27 11.98
N CYS A 624 25.42 -2.94 10.70
CA CYS A 624 26.56 -2.64 9.85
C CYS A 624 26.97 -1.18 9.90
N GLY A 625 26.29 -0.37 10.71
CA GLY A 625 26.60 1.04 10.80
C GLY A 625 25.85 1.91 9.81
N SER A 626 25.14 1.31 8.86
CA SER A 626 24.34 2.09 7.92
C SER A 626 23.05 2.55 8.58
N ARG A 627 22.46 3.60 8.03
CA ARG A 627 21.22 4.14 8.57
C ARG A 627 20.09 3.13 8.46
N GLY A 628 19.31 3.00 9.53
CA GLY A 628 18.10 2.24 9.54
C GLY A 628 16.89 3.12 9.35
N SER A 629 15.78 2.73 9.98
CA SER A 629 14.58 3.56 9.94
C SER A 629 14.75 4.77 10.83
N CYS A 630 14.20 5.90 10.37
CA CYS A 630 14.20 7.13 11.17
C CYS A 630 13.39 6.91 12.43
N ARG A 631 13.90 7.43 13.55
CA ARG A 631 13.24 7.25 14.84
C ARG A 631 12.40 8.46 15.25
N LEU A 632 12.85 9.67 14.95
CA LEU A 632 12.15 10.88 15.35
C LEU A 632 12.14 11.86 14.19
N TYR A 633 10.95 12.32 13.82
CA TYR A 633 10.78 13.33 12.80
C TYR A 633 10.42 14.67 13.43
N ASP A 634 10.68 15.75 12.69
CA ASP A 634 10.15 17.06 13.02
C ASP A 634 8.71 17.12 12.52
N SER A 635 7.76 17.28 13.45
CA SER A 635 6.35 17.18 13.11
C SER A 635 5.91 18.24 12.11
N ASN A 636 6.36 19.49 12.29
CA ASN A 636 5.94 20.55 11.39
C ASN A 636 6.47 20.34 9.97
N VAL A 637 7.75 19.98 9.84
CA VAL A 637 8.32 19.76 8.53
C VAL A 637 7.70 18.53 7.87
N PHE A 638 7.52 17.45 8.64
CA PHE A 638 6.85 16.27 8.13
C PHE A 638 5.45 16.61 7.62
N ARG A 639 4.66 17.33 8.42
CA ARG A 639 3.31 17.68 8.00
C ARG A 639 3.33 18.53 6.74
N HIS A 640 4.18 19.56 6.71
CA HIS A 640 4.23 20.42 5.54
C HIS A 640 4.59 19.65 4.28
N ILE A 641 5.64 18.83 4.34
CA ILE A 641 6.06 18.08 3.16
C ILE A 641 4.97 17.09 2.74
N TYR A 642 4.49 16.29 3.68
CA TYR A 642 3.56 15.21 3.37
C TYR A 642 2.26 15.73 2.80
N LEU A 643 1.69 16.78 3.42
CA LEU A 643 0.44 17.32 2.91
C LEU A 643 0.65 18.17 1.66
N GLY A 644 1.72 18.96 1.62
CA GLY A 644 1.92 19.87 0.51
C GLY A 644 2.21 19.17 -0.79
N LEU A 645 3.05 18.13 -0.76
CA LEU A 645 3.35 17.39 -1.98
C LEU A 645 2.09 16.75 -2.55
N THR A 646 1.28 16.13 -1.68
CA THR A 646 0.00 15.56 -2.08
C THR A 646 -0.91 16.61 -2.71
N VAL A 647 -1.06 17.76 -2.06
CA VAL A 647 -1.98 18.79 -2.55
C VAL A 647 -1.48 19.39 -3.88
N ILE A 648 -0.17 19.60 -4.02
CA ILE A 648 0.37 20.16 -5.26
C ILE A 648 0.13 19.22 -6.42
N LEU A 649 0.40 17.92 -6.23
CA LEU A 649 0.13 16.96 -7.29
C LEU A 649 -1.35 16.89 -7.60
N GLY A 650 -2.20 16.93 -6.56
CA GLY A 650 -3.63 16.98 -6.79
C GLY A 650 -4.07 18.19 -7.60
N THR A 651 -3.44 19.33 -7.36
CA THR A 651 -3.79 20.55 -8.08
C THR A 651 -3.40 20.45 -9.56
N VAL A 652 -2.21 19.90 -9.83
CA VAL A 652 -1.82 19.66 -11.22
C VAL A 652 -2.81 18.72 -11.89
N SER A 653 -3.22 17.67 -11.18
CA SER A 653 -4.22 16.75 -11.71
C SER A 653 -5.54 17.46 -12.00
N ILE A 654 -5.96 18.37 -11.12
CA ILE A 654 -7.20 19.11 -11.32
C ILE A 654 -7.12 19.95 -12.58
N LEU A 655 -5.99 20.62 -12.81
CA LEU A 655 -5.83 21.41 -14.03
C LEU A 655 -5.92 20.52 -15.27
N LEU A 656 -5.26 19.36 -15.24
CA LEU A 656 -5.33 18.45 -16.37
C LEU A 656 -6.76 17.95 -16.60
N SER A 657 -7.49 17.70 -15.51
CA SER A 657 -8.88 17.27 -15.63
C SER A 657 -9.75 18.36 -16.25
N ILE A 658 -9.47 19.62 -15.91
CA ILE A 658 -10.18 20.74 -16.55
C ILE A 658 -9.91 20.73 -18.04
N ALA A 659 -8.66 20.50 -18.43
CA ALA A 659 -8.33 20.42 -19.86
C ALA A 659 -9.10 19.28 -20.55
N VAL A 660 -9.19 18.14 -19.86
CA VAL A 660 -9.94 17.00 -20.40
C VAL A 660 -11.40 17.39 -20.63
N LEU A 661 -12.00 18.03 -19.64
CA LEU A 661 -13.39 18.47 -19.76
C LEU A 661 -13.58 19.45 -20.91
N PHE A 662 -12.65 20.39 -21.07
CA PHE A 662 -12.75 21.37 -22.14
C PHE A 662 -12.69 20.70 -23.51
N ILE A 663 -11.78 19.74 -23.68
CA ILE A 663 -11.71 19.05 -24.96
C ILE A 663 -12.94 18.20 -25.21
N LEU A 664 -13.48 17.56 -24.16
CA LEU A 664 -14.72 16.81 -24.33
C LEU A 664 -15.87 17.70 -24.78
N LYS A 665 -16.00 18.89 -24.19
CA LYS A 665 -17.02 19.83 -24.63
C LYS A 665 -16.76 20.28 -26.06
N LYS A 666 -15.49 20.50 -26.42
CA LYS A 666 -15.17 20.95 -27.78
C LYS A 666 -15.54 19.89 -28.81
N ASN A 667 -15.28 18.63 -28.52
CA ASN A 667 -15.58 17.56 -29.45
C ASN A 667 -16.95 16.95 -29.20
C1 T44 B . -2.98 0.74 -2.29
C2 T44 B . -2.79 2.01 -2.84
C3 T44 B . -3.86 2.86 -3.02
C4 T44 B . -5.14 2.44 -2.64
C5 T44 B . -5.33 1.19 -2.09
C6 T44 B . -4.26 0.33 -1.91
C7 T44 B . -1.81 -0.20 -2.10
CA T44 B . -1.98 -1.43 -2.96
C T44 B . -2.10 -1.00 -4.40
C1' T44 B . -6.45 4.21 -1.82
C2' T44 B . -6.95 5.45 -2.16
C3' T44 B . -7.20 6.39 -1.18
C4' T44 B . -6.94 6.11 0.14
C5' T44 B . -6.43 4.87 0.50
C6' T44 B . -6.18 3.92 -0.48
N T44 B . -0.78 -2.28 -2.81
O4 T44 B . -6.21 3.27 -2.79
O4' T44 B . -7.18 7.05 1.10
O T44 B . -1.20 -0.27 -4.88
OXT T44 B . -3.09 -1.38 -5.06
I3 T44 B . -3.57 4.75 -3.85
I3' T44 B . -7.98 8.24 -1.75
I5 T44 B . -7.24 0.58 -1.52
I5' T44 B . -6.03 4.45 2.51
CAA Y01 C . 2.83 0.44 1.08
CBA Y01 C . 1.33 0.27 0.90
CAB Y01 C . 0.72 1.50 0.23
CAN Y01 C . 0.64 -0.03 2.23
CAJ Y01 C . -0.87 -0.09 2.06
CAO Y01 C . -1.58 0.03 3.42
CBB Y01 C . -2.73 -0.96 3.58
CAC Y01 C . -3.38 -1.28 2.23
CBE Y01 C . -2.32 -2.24 4.31
CAP Y01 C . -0.88 -2.19 4.83
CAQ Y01 C . -0.88 -2.79 6.24
CBG Y01 C . -2.25 -3.44 6.35
CBI Y01 C . -3.17 -2.56 5.54
CAE Y01 C . -3.53 -1.28 6.28
CAU Y01 C . -4.44 -3.37 5.28
CAS Y01 C . -5.07 -3.83 6.60
CBF Y01 C . -4.07 -4.52 7.55
CBD Y01 C . -2.82 -3.66 7.73
CAK Y01 C . -1.79 -4.27 8.67
CAI Y01 C . -2.32 -5.53 9.29
CAZ Y01 C . -3.60 -5.61 9.68
CAV Y01 C . -3.94 -6.42 10.89
CBH Y01 C . -4.67 -4.92 8.89
CAD Y01 C . -5.18 -3.71 9.66
CAT Y01 C . -5.83 -5.90 8.65
CAR Y01 C . -6.15 -6.74 9.89
CBC Y01 C . -4.92 -7.48 10.39
OAW Y01 C . -5.22 -8.45 11.40
CAY Y01 C . -5.59 -7.91 12.70
OAG Y01 C . -6.67 -7.36 12.83
CAM Y01 C . -4.67 -8.06 13.89
CAL Y01 C . -4.94 -9.40 14.57
CAX Y01 C . -4.18 -9.46 15.87
OAH Y01 C . -3.24 -10.28 15.99
OAF Y01 C . -4.50 -8.66 16.78
#